data_7BP2
#
_entry.id   7BP2
#
_cell.length_a   65.712
_cell.length_b   65.712
_cell.length_c   96.687
_cell.angle_alpha   90.000
_cell.angle_beta   90.000
_cell.angle_gamma   120.000
#
_symmetry.space_group_name_H-M   'P 31'
#
loop_
_entity.id
_entity.type
_entity.pdbx_description
1 polymer 'Histone H2A.6'
2 polymer 'Histone H2B.1'
3 non-polymer 'SULFATE ION'
4 non-polymer GLYCEROL
5 water water
#
loop_
_entity_poly.entity_id
_entity_poly.type
_entity_poly.pdbx_seq_one_letter_code
_entity_poly.pdbx_strand_id
1 'polypeptide(L)'
;KKATSRSSKAGLQFPVGRIARFLKAGKYAERVGAGAPVYLAAVLEYLAAEVLELAGNAARDNKKTRIVPRHIQLAVRNDE
ELSKLLGDVTIAN
;
A,C
2 'polypeptide(L)'
;KKRSKKNVETYKIYIFKVLKQVHPDIGISSKAMGIMNSFINDIFEKLAQESSKLARYNKKPTITSREIQTAVRLVLPGEL
AKHAVSEGTKAVTKFTSS
;
B,D
#
# COMPACT_ATOMS: atom_id res chain seq x y z
N THR A 4 19.65 -15.78 20.98
CA THR A 4 19.01 -14.66 20.21
C THR A 4 17.79 -14.16 20.99
N SER A 5 17.46 -12.87 20.84
CA SER A 5 16.36 -12.17 21.55
C SER A 5 15.01 -12.78 21.16
N ARG A 6 13.99 -12.58 21.96
CA ARG A 6 12.60 -12.86 21.59
C ARG A 6 12.27 -12.03 20.34
N SER A 7 12.65 -10.75 20.31
CA SER A 7 12.41 -9.87 19.11
C SER A 7 12.97 -10.54 17.82
N SER A 8 14.26 -10.88 17.81
CA SER A 8 14.93 -11.55 16.67
C SER A 8 14.14 -12.80 16.23
N LYS A 9 13.74 -13.65 17.19
CA LYS A 9 13.00 -14.90 16.91
C LYS A 9 11.68 -14.56 16.19
N ALA A 10 11.01 -13.48 16.62
CA ALA A 10 9.69 -13.05 16.11
C ALA A 10 9.82 -12.22 14.82
N GLY A 11 11.03 -11.82 14.42
CA GLY A 11 11.22 -10.99 13.21
C GLY A 11 10.77 -9.54 13.42
N LEU A 12 10.98 -8.99 14.61
CA LEU A 12 10.47 -7.66 15.04
C LEU A 12 11.62 -6.72 15.44
N GLN A 13 11.44 -5.43 15.23
CA GLN A 13 12.29 -4.37 15.81
C GLN A 13 11.80 -3.97 17.19
N PHE A 14 10.48 -4.02 17.45
CA PHE A 14 9.95 -3.59 18.74
C PHE A 14 10.37 -4.58 19.84
N PRO A 15 10.50 -4.09 21.10
CA PRO A 15 11.19 -4.84 22.15
C PRO A 15 10.28 -5.85 22.89
N VAL A 16 10.32 -7.11 22.52
CA VAL A 16 9.42 -8.16 23.12
C VAL A 16 9.75 -8.30 24.59
N GLY A 17 11.01 -8.39 24.92
CA GLY A 17 11.44 -8.51 26.33
C GLY A 17 10.91 -7.39 27.18
N ARG A 18 11.06 -6.14 26.73
CA ARG A 18 10.64 -4.96 27.50
C ARG A 18 9.12 -4.99 27.64
N ILE A 19 8.42 -5.25 26.56
CA ILE A 19 6.93 -5.31 26.58
C ILE A 19 6.49 -6.48 27.48
N ALA A 20 7.19 -7.59 27.47
CA ALA A 20 6.89 -8.69 28.43
C ALA A 20 7.00 -8.15 29.86
N ARG A 21 8.07 -7.44 30.18
CA ARG A 21 8.29 -6.91 31.54
C ARG A 21 7.21 -5.87 31.86
N PHE A 22 6.80 -5.07 30.88
CA PHE A 22 5.79 -3.99 31.04
C PHE A 22 4.43 -4.62 31.41
N LEU A 23 4.07 -5.68 30.72
CA LEU A 23 2.80 -6.43 30.97
C LEU A 23 2.87 -7.08 32.35
N LYS A 24 4.00 -7.70 32.67
CA LYS A 24 4.10 -8.62 33.87
C LYS A 24 4.16 -7.76 35.12
N ALA A 25 4.42 -6.45 34.95
CA ALA A 25 4.52 -5.44 36.04
C ALA A 25 3.23 -4.59 36.16
N GLY A 26 2.39 -4.56 35.14
CA GLY A 26 1.19 -3.74 35.11
C GLY A 26 0.02 -4.41 35.86
N LYS A 27 0.28 -5.58 36.41
CA LYS A 27 -0.71 -6.33 37.23
C LYS A 27 -2.01 -6.49 36.41
N TYR A 28 -1.90 -6.96 35.19
CA TYR A 28 -3.04 -7.06 34.25
C TYR A 28 -3.76 -8.42 34.37
N ALA A 29 -3.04 -9.44 34.76
CA ALA A 29 -3.57 -10.80 35.01
C ALA A 29 -2.56 -11.56 35.87
N GLU A 30 -2.91 -12.75 36.31
CA GLU A 30 -1.99 -13.57 37.13
C GLU A 30 -0.74 -13.90 36.31
N ARG A 31 -0.92 -14.20 35.01
CA ARG A 31 0.15 -14.63 34.14
C ARG A 31 -0.02 -14.03 32.77
N VAL A 32 1.10 -13.73 32.16
CA VAL A 32 1.25 -13.33 30.76
C VAL A 32 1.97 -14.42 30.02
N GLY A 33 1.34 -15.03 29.03
CA GLY A 33 1.91 -16.07 28.23
C GLY A 33 3.06 -15.56 27.34
N ALA A 34 3.89 -16.46 26.86
CA ALA A 34 5.08 -16.16 26.04
C ALA A 34 4.64 -15.41 24.78
N GLY A 35 3.50 -15.79 24.19
CA GLY A 35 3.08 -15.25 22.90
C GLY A 35 2.54 -13.87 23.03
N ALA A 36 1.98 -13.52 24.16
CA ALA A 36 1.23 -12.27 24.33
C ALA A 36 2.13 -11.10 23.98
N PRO A 37 3.35 -10.96 24.58
CA PRO A 37 4.20 -9.82 24.30
C PRO A 37 4.74 -9.84 22.86
N VAL A 38 4.90 -10.98 22.27
CA VAL A 38 5.28 -11.06 20.82
C VAL A 38 4.16 -10.45 19.99
N TYR A 39 2.94 -10.85 20.26
CA TYR A 39 1.79 -10.36 19.46
C TYR A 39 1.63 -8.86 19.67
N LEU A 40 1.78 -8.39 20.88
CA LEU A 40 1.55 -7.00 21.17
C LEU A 40 2.67 -6.17 20.55
N ALA A 41 3.92 -6.56 20.77
CA ALA A 41 5.05 -5.88 20.10
C ALA A 41 4.77 -5.82 18.57
N ALA A 42 4.29 -6.89 17.95
CA ALA A 42 4.05 -6.95 16.46
C ALA A 42 2.95 -5.92 16.09
N VAL A 43 1.93 -5.80 16.90
CA VAL A 43 0.83 -4.84 16.65
C VAL A 43 1.36 -3.39 16.76
N LEU A 44 2.11 -3.07 17.81
CA LEU A 44 2.63 -1.72 18.03
C LEU A 44 3.61 -1.39 16.90
N GLU A 45 4.44 -2.36 16.50
CA GLU A 45 5.39 -2.18 15.37
C GLU A 45 4.62 -1.88 14.06
N TYR A 46 3.54 -2.61 13.79
CA TYR A 46 2.71 -2.42 12.59
C TYR A 46 2.14 -0.99 12.60
N LEU A 47 1.59 -0.55 13.71
CA LEU A 47 1.00 0.76 13.77
C LEU A 47 2.10 1.83 13.56
N ALA A 48 3.26 1.67 14.17
CA ALA A 48 4.39 2.62 13.97
C ALA A 48 4.75 2.61 12.47
N ALA A 49 4.83 1.46 11.89
CA ALA A 49 5.27 1.32 10.49
C ALA A 49 4.23 1.97 9.54
N GLU A 50 2.94 1.73 9.71
CA GLU A 50 1.93 2.48 8.90
C GLU A 50 2.14 3.98 9.06
N VAL A 51 2.11 4.50 10.26
CA VAL A 51 2.20 5.95 10.48
C VAL A 51 3.51 6.48 9.86
N LEU A 52 4.63 5.83 10.09
CA LEU A 52 5.94 6.31 9.61
C LEU A 52 5.97 6.19 8.10
N GLU A 53 5.48 5.12 7.53
CA GLU A 53 5.47 4.97 6.04
C GLU A 53 4.65 6.12 5.42
N LEU A 54 3.47 6.42 5.99
CA LEU A 54 2.60 7.48 5.38
C LEU A 54 3.18 8.86 5.69
N ALA A 55 3.79 9.08 6.84
CA ALA A 55 4.32 10.39 7.23
C ALA A 55 5.62 10.67 6.44
N GLY A 56 6.44 9.64 6.19
CA GLY A 56 7.59 9.76 5.27
C GLY A 56 7.15 10.11 3.89
N ASN A 57 6.06 9.52 3.39
CA ASN A 57 5.53 9.83 2.06
C ASN A 57 5.14 11.30 2.02
N ALA A 58 4.49 11.79 3.08
CA ALA A 58 4.09 13.21 3.15
C ALA A 58 5.35 14.11 3.17
N ALA A 59 6.41 13.70 3.84
CA ALA A 59 7.63 14.49 3.92
C ALA A 59 8.21 14.58 2.50
N ARG A 60 8.33 13.48 1.83
CA ARG A 60 9.00 13.45 0.49
C ARG A 60 8.11 14.19 -0.52
N ASP A 61 6.79 14.15 -0.38
CA ASP A 61 5.85 14.87 -1.26
C ASP A 61 6.02 16.40 -1.07
N ASN A 62 6.44 16.84 0.13
CA ASN A 62 6.66 18.26 0.55
C ASN A 62 8.10 18.68 0.17
N LYS A 63 8.86 17.78 -0.49
CA LYS A 63 10.32 17.92 -0.76
C LYS A 63 11.08 18.26 0.55
N LYS A 64 10.78 17.51 1.65
CA LYS A 64 11.51 17.57 2.90
C LYS A 64 12.29 16.25 3.14
N THR A 65 13.32 16.35 3.96
CA THR A 65 14.22 15.22 4.32
C THR A 65 14.00 14.78 5.76
N ARG A 66 13.00 15.34 6.45
CA ARG A 66 12.74 15.04 7.86
C ARG A 66 11.27 15.05 8.10
N ILE A 67 10.74 14.02 8.79
CA ILE A 67 9.35 14.03 9.26
C ILE A 67 9.24 15.00 10.40
N VAL A 68 8.30 15.93 10.26
CA VAL A 68 7.88 16.87 11.33
C VAL A 68 6.46 16.57 11.73
N PRO A 69 5.98 17.19 12.82
CA PRO A 69 4.63 16.90 13.30
C PRO A 69 3.54 17.09 12.22
N ARG A 70 3.63 18.12 11.36
CA ARG A 70 2.64 18.38 10.28
C ARG A 70 2.51 17.13 9.36
N HIS A 71 3.62 16.49 9.04
CA HIS A 71 3.62 15.29 8.20
C HIS A 71 2.84 14.15 8.87
N ILE A 72 3.01 13.97 10.18
CA ILE A 72 2.23 12.93 10.93
C ILE A 72 0.76 13.32 10.90
N GLN A 73 0.48 14.60 11.11
CA GLN A 73 -0.90 15.14 11.15
C GLN A 73 -1.57 14.88 9.80
N LEU A 74 -0.89 15.20 8.68
CA LEU A 74 -1.40 14.98 7.30
C LEU A 74 -1.59 13.49 7.02
N ALA A 75 -0.59 12.66 7.37
CA ALA A 75 -0.65 11.19 7.23
C ALA A 75 -1.92 10.65 7.90
N VAL A 76 -2.16 11.01 9.15
CA VAL A 76 -3.30 10.45 9.97
C VAL A 76 -4.61 11.01 9.43
N ARG A 77 -4.65 12.32 9.16
CA ARG A 77 -5.85 13.00 8.58
C ARG A 77 -6.27 12.28 7.30
N ASN A 78 -5.32 12.01 6.40
CA ASN A 78 -5.58 11.49 5.03
C ASN A 78 -5.77 9.95 5.07
N ASP A 79 -5.88 9.36 6.27
CA ASP A 79 -6.17 7.91 6.47
C ASP A 79 -7.39 7.72 7.37
N GLU A 80 -8.45 7.11 6.86
CA GLU A 80 -9.75 6.90 7.56
C GLU A 80 -9.50 6.21 8.93
N GLU A 81 -8.74 5.12 8.92
CA GLU A 81 -8.54 4.22 10.09
C GLU A 81 -7.71 4.94 11.14
N LEU A 82 -6.61 5.56 10.74
CA LEU A 82 -5.69 6.21 11.68
C LEU A 82 -6.41 7.38 12.33
N SER A 83 -7.21 8.14 11.57
CA SER A 83 -8.02 9.27 12.08
C SER A 83 -9.01 8.75 13.13
N LYS A 84 -9.69 7.65 12.80
CA LYS A 84 -10.66 6.96 13.71
C LYS A 84 -9.95 6.53 15.00
N LEU A 85 -8.70 6.06 14.89
CA LEU A 85 -7.93 5.53 16.05
C LEU A 85 -7.32 6.68 16.85
N LEU A 86 -6.59 7.53 16.15
CA LEU A 86 -5.79 8.60 16.79
C LEU A 86 -6.58 9.89 16.93
N GLY A 87 -7.70 10.00 16.22
CA GLY A 87 -8.40 11.30 16.24
C GLY A 87 -7.52 12.41 15.67
N ASP A 88 -7.45 13.54 16.36
CA ASP A 88 -6.69 14.70 15.81
C ASP A 88 -5.23 14.72 16.30
N VAL A 89 -4.33 15.17 15.42
CA VAL A 89 -2.91 15.34 15.81
C VAL A 89 -2.71 16.84 16.02
N THR A 90 -2.14 17.22 17.16
CA THR A 90 -2.04 18.64 17.59
C THR A 90 -0.78 19.28 16.99
N VAL B 8 4.26 6.10 31.51
CA VAL B 8 4.95 6.37 30.21
C VAL B 8 6.26 5.57 30.17
N GLU B 9 6.52 4.92 29.04
CA GLU B 9 7.81 4.28 28.70
C GLU B 9 8.37 4.97 27.46
N THR B 10 9.62 4.72 27.11
CA THR B 10 10.18 5.20 25.81
C THR B 10 10.28 4.06 24.85
N TYR B 11 9.71 4.25 23.69
CA TYR B 11 9.84 3.36 22.53
C TYR B 11 10.62 4.07 21.40
N LYS B 12 11.29 5.14 21.71
CA LYS B 12 11.81 6.05 20.66
C LYS B 12 12.85 5.32 19.81
N ILE B 13 13.79 4.64 20.41
CA ILE B 13 14.85 3.99 19.63
C ILE B 13 14.23 2.87 18.76
N TYR B 14 13.10 2.32 19.16
CA TYR B 14 12.48 1.23 18.40
C TYR B 14 11.63 1.79 17.27
N ILE B 15 10.96 2.88 17.53
CA ILE B 15 10.29 3.69 16.50
C ILE B 15 11.32 4.10 15.44
N PHE B 16 12.49 4.52 15.86
CA PHE B 16 13.54 4.94 14.87
C PHE B 16 14.00 3.71 14.06
N LYS B 17 14.09 2.55 14.66
CA LYS B 17 14.48 1.32 13.97
C LYS B 17 13.46 1.03 12.86
N VAL B 18 12.18 1.17 13.17
CA VAL B 18 11.12 1.04 12.15
C VAL B 18 11.26 2.11 11.08
N LEU B 19 11.53 3.38 11.45
CA LEU B 19 11.70 4.44 10.44
C LEU B 19 12.83 4.05 9.50
N LYS B 20 13.98 3.61 10.04
CA LYS B 20 15.12 3.29 9.18
C LYS B 20 14.84 2.04 8.33
N GLN B 21 13.85 1.21 8.65
CA GLN B 21 13.40 0.11 7.74
C GLN B 21 12.56 0.67 6.60
N VAL B 22 11.53 1.43 6.89
CA VAL B 22 10.55 1.83 5.86
C VAL B 22 11.06 3.03 5.07
N HIS B 23 11.80 3.96 5.69
CA HIS B 23 12.32 5.16 5.02
C HIS B 23 13.75 5.40 5.45
N PRO B 24 14.71 4.61 4.94
CA PRO B 24 16.08 4.74 5.36
C PRO B 24 16.60 6.20 5.28
N ASP B 25 16.20 6.95 4.25
CA ASP B 25 16.81 8.25 3.96
C ASP B 25 16.05 9.40 4.59
N ILE B 26 14.97 9.14 5.33
CA ILE B 26 14.14 10.22 5.90
C ILE B 26 14.40 10.27 7.38
N GLY B 27 14.65 11.44 7.88
CA GLY B 27 14.84 11.69 9.30
C GLY B 27 13.53 11.94 10.03
N ILE B 28 13.65 12.16 11.33
CA ILE B 28 12.49 12.57 12.14
C ILE B 28 12.95 13.59 13.16
N SER B 29 12.16 14.64 13.31
CA SER B 29 12.39 15.70 14.29
C SER B 29 12.04 15.21 15.70
N SER B 30 12.54 15.90 16.70
CA SER B 30 12.40 15.53 18.12
C SER B 30 10.92 15.55 18.52
N LYS B 31 10.16 16.55 18.06
CA LYS B 31 8.73 16.75 18.38
C LYS B 31 7.91 15.64 17.70
N ALA B 32 8.25 15.30 16.49
CA ALA B 32 7.57 14.25 15.75
C ALA B 32 7.81 12.92 16.46
N MET B 33 9.02 12.65 16.89
CA MET B 33 9.36 11.41 17.61
C MET B 33 8.53 11.42 18.91
N GLY B 34 8.46 12.56 19.58
CA GLY B 34 7.62 12.71 20.79
C GLY B 34 6.18 12.29 20.53
N ILE B 35 5.57 12.78 19.45
CA ILE B 35 4.19 12.41 19.01
C ILE B 35 4.12 10.88 18.77
N MET B 36 5.08 10.30 18.05
CA MET B 36 5.06 8.84 17.77
C MET B 36 5.10 8.06 19.10
N ASN B 37 5.99 8.43 20.02
CA ASN B 37 6.17 7.75 21.31
C ASN B 37 4.86 7.87 22.12
N SER B 38 4.26 9.02 22.15
CA SER B 38 2.97 9.20 22.88
C SER B 38 1.88 8.30 22.27
N PHE B 39 1.88 8.11 20.95
CA PHE B 39 0.91 7.28 20.21
C PHE B 39 1.07 5.85 20.67
N ILE B 40 2.29 5.34 20.60
CA ILE B 40 2.59 3.93 20.96
C ILE B 40 2.20 3.68 22.43
N ASN B 41 2.62 4.53 23.33
CA ASN B 41 2.25 4.43 24.77
C ASN B 41 0.75 4.31 24.89
N ASP B 42 0.02 5.24 24.26
CA ASP B 42 -1.46 5.29 24.35
C ASP B 42 -2.03 3.93 23.92
N ILE B 43 -1.60 3.38 22.79
CA ILE B 43 -2.16 2.11 22.30
C ILE B 43 -1.73 0.95 23.23
N PHE B 44 -0.49 0.94 23.73
CA PHE B 44 -0.06 -0.13 24.63
C PHE B 44 -1.04 -0.18 25.79
N GLU B 45 -1.29 0.95 26.39
CA GLU B 45 -2.21 1.03 27.56
C GLU B 45 -3.57 0.50 27.17
N LYS B 46 -4.13 0.94 26.08
CA LYS B 46 -5.50 0.54 25.69
C LYS B 46 -5.54 -0.98 25.50
N LEU B 47 -4.61 -1.57 24.77
CA LEU B 47 -4.65 -3.01 24.51
C LEU B 47 -4.37 -3.79 25.80
N ALA B 48 -3.39 -3.40 26.60
CA ALA B 48 -3.09 -4.09 27.88
C ALA B 48 -4.31 -3.99 28.82
N GLN B 49 -4.91 -2.82 28.94
CA GLN B 49 -6.12 -2.64 29.82
C GLN B 49 -7.28 -3.50 29.28
N GLU B 50 -7.52 -3.53 27.98
CA GLU B 50 -8.61 -4.35 27.40
C GLU B 50 -8.32 -5.84 27.62
N SER B 51 -7.10 -6.28 27.41
CA SER B 51 -6.70 -7.69 27.63
C SER B 51 -6.95 -8.07 29.09
N SER B 52 -6.71 -7.16 29.98
CA SER B 52 -6.95 -7.35 31.44
C SER B 52 -8.44 -7.53 31.68
N LYS B 53 -9.26 -6.64 31.15
CA LYS B 53 -10.71 -6.73 31.23
C LYS B 53 -11.14 -8.10 30.73
N LEU B 54 -10.69 -8.49 29.55
CA LEU B 54 -11.22 -9.70 28.87
C LEU B 54 -10.81 -10.92 29.70
N ALA B 55 -9.66 -10.90 30.30
CA ALA B 55 -9.22 -12.08 31.03
C ALA B 55 -10.03 -12.15 32.33
N ARG B 56 -10.36 -11.01 32.95
CA ARG B 56 -11.17 -10.93 34.20
C ARG B 56 -12.61 -11.35 33.91
N TYR B 57 -13.17 -10.95 32.79
CA TYR B 57 -14.55 -11.28 32.39
C TYR B 57 -14.73 -12.79 32.36
N ASN B 58 -13.76 -13.52 31.82
CA ASN B 58 -13.87 -15.00 31.68
C ASN B 58 -12.92 -15.71 32.67
N LYS B 59 -12.58 -15.06 33.79
CA LYS B 59 -11.89 -15.72 34.92
C LYS B 59 -10.65 -16.46 34.44
N LYS B 60 -9.90 -15.86 33.53
CA LYS B 60 -8.73 -16.49 32.91
C LYS B 60 -7.48 -16.12 33.70
N PRO B 61 -6.62 -17.07 34.08
CA PRO B 61 -5.44 -16.71 34.82
C PRO B 61 -4.44 -15.95 33.94
N THR B 62 -4.50 -16.18 32.63
CA THR B 62 -3.39 -15.85 31.74
C THR B 62 -3.90 -14.99 30.59
N ILE B 63 -3.22 -13.89 30.33
CA ILE B 63 -3.32 -13.13 29.08
C ILE B 63 -2.47 -13.83 28.04
N THR B 64 -3.09 -14.48 27.10
CA THR B 64 -2.43 -15.12 25.95
C THR B 64 -2.54 -14.26 24.69
N SER B 65 -1.80 -14.65 23.64
CA SER B 65 -1.89 -14.03 22.32
C SER B 65 -3.36 -13.97 21.88
N ARG B 66 -4.22 -14.88 22.35
CA ARG B 66 -5.65 -14.83 21.97
C ARG B 66 -6.31 -13.57 22.58
N GLU B 67 -5.98 -13.24 23.82
CA GLU B 67 -6.53 -12.06 24.51
C GLU B 67 -6.00 -10.78 23.88
N ILE B 68 -4.74 -10.75 23.47
CA ILE B 68 -4.22 -9.59 22.71
C ILE B 68 -5.01 -9.48 21.39
N GLN B 69 -5.27 -10.56 20.72
CA GLN B 69 -6.00 -10.52 19.40
C GLN B 69 -7.43 -10.02 19.60
N THR B 70 -8.14 -10.50 20.60
CA THR B 70 -9.47 -10.01 20.89
C THR B 70 -9.40 -8.51 21.29
N ALA B 71 -8.43 -8.13 22.12
CA ALA B 71 -8.24 -6.72 22.54
C ALA B 71 -8.08 -5.84 21.31
N VAL B 72 -7.31 -6.29 20.30
CA VAL B 72 -7.07 -5.48 19.09
C VAL B 72 -8.40 -5.25 18.40
N ARG B 73 -9.26 -6.26 18.36
CA ARG B 73 -10.56 -6.15 17.66
C ARG B 73 -11.52 -5.29 18.47
N LEU B 74 -11.33 -5.13 19.77
CA LEU B 74 -12.23 -4.31 20.58
C LEU B 74 -11.78 -2.89 20.57
N VAL B 75 -10.51 -2.63 20.18
CA VAL B 75 -9.88 -1.30 20.33
C VAL B 75 -9.69 -0.63 18.96
N LEU B 76 -9.14 -1.32 17.98
CA LEU B 76 -8.81 -0.73 16.65
C LEU B 76 -10.09 -0.72 15.82
N PRO B 77 -10.25 0.25 14.90
CA PRO B 77 -11.29 0.13 13.87
C PRO B 77 -11.11 -1.12 13.00
N GLY B 78 -12.23 -1.70 12.52
CA GLY B 78 -12.27 -3.04 11.92
C GLY B 78 -11.15 -3.27 10.91
N GLU B 79 -10.95 -2.36 9.96
CA GLU B 79 -9.99 -2.61 8.84
C GLU B 79 -8.58 -2.59 9.36
N LEU B 80 -8.22 -1.60 10.17
CA LEU B 80 -6.91 -1.52 10.85
C LEU B 80 -6.71 -2.78 11.73
N ALA B 81 -7.73 -3.17 12.47
CA ALA B 81 -7.68 -4.37 13.32
C ALA B 81 -7.29 -5.59 12.53
N LYS B 82 -7.90 -5.79 11.35
CA LYS B 82 -7.68 -6.96 10.55
C LYS B 82 -6.19 -7.04 10.13
N HIS B 83 -5.61 -5.93 9.77
CA HIS B 83 -4.18 -5.85 9.44
C HIS B 83 -3.30 -6.09 10.69
N ALA B 84 -3.63 -5.48 11.81
CA ALA B 84 -2.85 -5.67 13.05
C ALA B 84 -2.93 -7.16 13.48
N VAL B 85 -4.10 -7.75 13.36
CA VAL B 85 -4.26 -9.15 13.74
C VAL B 85 -3.38 -10.02 12.83
N SER B 86 -3.34 -9.73 11.54
CA SER B 86 -2.52 -10.49 10.60
C SER B 86 -1.02 -10.30 10.94
N GLU B 87 -0.59 -9.13 11.35
CA GLU B 87 0.82 -8.89 11.69
C GLU B 87 1.15 -9.53 13.01
N GLY B 88 0.27 -9.45 13.99
CA GLY B 88 0.44 -10.18 15.25
C GLY B 88 0.55 -11.67 15.04
N THR B 89 -0.32 -12.25 14.25
CA THR B 89 -0.36 -13.71 14.00
C THR B 89 0.92 -14.15 13.26
N LYS B 90 1.38 -13.34 12.34
CA LYS B 90 2.62 -13.61 11.55
C LYS B 90 3.82 -13.67 12.50
N ALA B 91 3.85 -12.80 13.49
CA ALA B 91 4.97 -12.73 14.43
C ALA B 91 4.97 -13.97 15.29
N VAL B 92 3.82 -14.30 15.87
CA VAL B 92 3.70 -15.43 16.81
C VAL B 92 4.02 -16.71 16.07
N THR B 93 3.62 -16.82 14.80
CA THR B 93 3.86 -18.01 13.95
C THR B 93 5.37 -18.14 13.69
N LYS B 94 6.06 -17.02 13.51
CA LYS B 94 7.52 -17.01 13.30
C LYS B 94 8.21 -17.36 14.62
N PHE B 95 7.76 -16.80 15.71
CA PHE B 95 8.40 -16.94 17.02
C PHE B 95 8.40 -18.42 17.41
N THR B 96 7.31 -19.15 17.13
CA THR B 96 7.09 -20.56 17.57
C THR B 96 7.72 -21.53 16.56
N SER B 97 8.11 -21.02 15.38
CA SER B 97 8.65 -21.82 14.24
C SER B 97 10.04 -22.36 14.58
N THR C 4 -20.69 8.17 -6.18
CA THR C 4 -19.87 8.15 -7.43
C THR C 4 -18.71 7.16 -7.26
N SER C 5 -18.28 6.52 -8.35
CA SER C 5 -17.23 5.46 -8.35
C SER C 5 -15.86 6.11 -8.12
N ARG C 6 -14.90 5.33 -7.59
CA ARG C 6 -13.51 5.77 -7.43
C ARG C 6 -12.98 6.23 -8.80
N SER C 7 -13.33 5.51 -9.86
CA SER C 7 -12.89 5.83 -11.27
C SER C 7 -13.38 7.23 -11.66
N SER C 8 -14.64 7.55 -11.40
CA SER C 8 -15.23 8.88 -11.69
C SER C 8 -14.44 9.98 -10.97
N LYS C 9 -14.18 9.78 -9.67
CA LYS C 9 -13.50 10.77 -8.80
C LYS C 9 -12.08 11.00 -9.32
N ALA C 10 -11.43 9.95 -9.86
CA ALA C 10 -10.06 10.03 -10.39
C ALA C 10 -10.04 10.48 -11.86
N GLY C 11 -11.17 10.70 -12.49
CA GLY C 11 -11.21 11.11 -13.92
C GLY C 11 -10.81 9.97 -14.86
N LEU C 12 -11.00 8.73 -14.46
CA LEU C 12 -10.56 7.56 -15.21
C LEU C 12 -11.71 6.82 -15.85
N GLN C 13 -11.38 6.08 -16.89
CA GLN C 13 -12.25 5.06 -17.49
C GLN C 13 -11.90 3.68 -16.95
N PHE C 14 -10.62 3.43 -16.67
CA PHE C 14 -10.23 2.15 -16.11
C PHE C 14 -10.81 2.02 -14.69
N PRO C 15 -11.02 0.78 -14.24
CA PRO C 15 -11.84 0.51 -13.07
C PRO C 15 -11.04 0.45 -11.78
N VAL C 16 -11.12 1.47 -11.00
CA VAL C 16 -10.30 1.62 -9.79
C VAL C 16 -10.71 0.57 -8.77
N GLY C 17 -12.00 0.38 -8.60
CA GLY C 17 -12.55 -0.64 -7.69
C GLY C 17 -12.05 -2.03 -8.02
N ARG C 18 -12.13 -2.45 -9.28
CA ARG C 18 -11.72 -3.79 -9.71
C ARG C 18 -10.22 -3.92 -9.42
N ILE C 19 -9.47 -2.92 -9.77
CA ILE C 19 -7.99 -2.99 -9.67
C ILE C 19 -7.62 -3.07 -8.21
N ALA C 20 -8.33 -2.34 -7.35
CA ALA C 20 -8.13 -2.40 -5.89
C ALA C 20 -8.47 -3.83 -5.39
N ARG C 21 -9.51 -4.46 -5.92
CA ARG C 21 -9.86 -5.86 -5.51
C ARG C 21 -8.74 -6.82 -5.95
N PHE C 22 -8.22 -6.70 -7.18
CA PHE C 22 -7.14 -7.55 -7.73
C PHE C 22 -5.87 -7.36 -6.87
N LEU C 23 -5.57 -6.13 -6.46
CA LEU C 23 -4.32 -5.85 -5.68
C LEU C 23 -4.46 -6.52 -4.31
N LYS C 24 -5.62 -6.39 -3.68
CA LYS C 24 -5.86 -6.93 -2.31
C LYS C 24 -5.90 -8.46 -2.39
N ALA C 25 -6.51 -9.00 -3.42
CA ALA C 25 -6.69 -10.47 -3.60
C ALA C 25 -5.32 -11.16 -3.82
N GLY C 26 -4.35 -10.44 -4.41
CA GLY C 26 -3.10 -11.03 -4.92
C GLY C 26 -2.06 -11.22 -3.79
N LYS C 27 -2.35 -10.71 -2.61
CA LYS C 27 -1.51 -10.86 -1.39
C LYS C 27 -0.09 -10.35 -1.70
N TYR C 28 0.01 -9.18 -2.28
CA TYR C 28 1.27 -8.52 -2.65
C TYR C 28 1.88 -7.83 -1.43
N ALA C 29 1.07 -7.42 -0.47
CA ALA C 29 1.49 -6.83 0.80
C ALA C 29 0.40 -7.05 1.86
N GLU C 30 0.70 -6.71 3.09
CA GLU C 30 -0.34 -6.65 4.14
C GLU C 30 -1.53 -5.75 3.69
N ARG C 31 -1.27 -4.50 3.21
CA ARG C 31 -2.30 -3.48 2.95
C ARG C 31 -2.03 -2.78 1.60
N VAL C 32 -3.10 -2.47 0.89
CA VAL C 32 -3.04 -1.70 -0.37
C VAL C 32 -3.70 -0.33 -0.09
N GLY C 33 -2.95 0.77 -0.24
CA GLY C 33 -3.44 2.09 0.09
C GLY C 33 -4.53 2.56 -0.91
N ALA C 34 -5.33 3.54 -0.56
CA ALA C 34 -6.49 3.99 -1.37
C ALA C 34 -6.00 4.60 -2.68
N GLY C 35 -4.84 5.25 -2.67
CA GLY C 35 -4.29 5.92 -3.86
C GLY C 35 -3.61 4.94 -4.79
N ALA C 36 -3.12 3.81 -4.31
CA ALA C 36 -2.41 2.83 -5.15
C ALA C 36 -3.26 2.39 -6.34
N PRO C 37 -4.53 1.96 -6.17
CA PRO C 37 -5.28 1.44 -7.33
C PRO C 37 -5.62 2.61 -8.25
N VAL C 38 -5.75 3.79 -7.72
CA VAL C 38 -5.99 5.02 -8.57
C VAL C 38 -4.79 5.20 -9.48
N TYR C 39 -3.62 5.24 -8.91
CA TYR C 39 -2.38 5.46 -9.69
C TYR C 39 -2.21 4.34 -10.70
N LEU C 40 -2.32 3.11 -10.29
CA LEU C 40 -2.13 1.97 -11.18
C LEU C 40 -3.17 2.02 -12.33
N ALA C 41 -4.44 2.27 -12.01
CA ALA C 41 -5.51 2.34 -13.04
C ALA C 41 -5.15 3.46 -14.06
N ALA C 42 -4.64 4.59 -13.59
CA ALA C 42 -4.24 5.74 -14.42
C ALA C 42 -3.08 5.34 -15.33
N VAL C 43 -2.12 4.58 -14.81
CA VAL C 43 -0.96 4.18 -15.62
C VAL C 43 -1.42 3.22 -16.73
N LEU C 44 -2.26 2.20 -16.43
CA LEU C 44 -2.74 1.22 -17.42
C LEU C 44 -3.57 1.98 -18.45
N GLU C 45 -4.37 2.92 -18.00
CA GLU C 45 -5.23 3.69 -18.95
C GLU C 45 -4.35 4.48 -19.86
N TYR C 46 -3.34 5.14 -19.32
CA TYR C 46 -2.42 5.92 -20.17
C TYR C 46 -1.81 5.01 -21.25
N LEU C 47 -1.30 3.85 -20.85
CA LEU C 47 -0.63 2.93 -21.81
C LEU C 47 -1.65 2.41 -22.87
N ALA C 48 -2.86 2.11 -22.47
CA ALA C 48 -3.88 1.72 -23.44
C ALA C 48 -4.17 2.90 -24.43
N ALA C 49 -4.29 4.09 -23.87
CA ALA C 49 -4.59 5.25 -24.72
C ALA C 49 -3.52 5.53 -25.72
N GLU C 50 -2.30 5.40 -25.26
CA GLU C 50 -1.21 5.63 -26.17
C GLU C 50 -1.23 4.64 -27.30
N VAL C 51 -1.40 3.36 -26.99
CA VAL C 51 -1.39 2.39 -28.04
C VAL C 51 -2.57 2.53 -29.01
N LEU C 52 -3.75 2.77 -28.42
CA LEU C 52 -4.98 2.90 -29.24
C LEU C 52 -4.85 4.17 -30.05
N GLU C 53 -4.31 5.21 -29.50
CA GLU C 53 -4.18 6.49 -30.28
C GLU C 53 -3.32 6.21 -31.50
N LEU C 54 -2.20 5.58 -31.30
CA LEU C 54 -1.27 5.33 -32.45
C LEU C 54 -1.82 4.24 -33.39
N ALA C 55 -2.40 3.17 -32.88
CA ALA C 55 -2.96 2.08 -33.68
C ALA C 55 -4.13 2.63 -34.52
N GLY C 56 -4.90 3.56 -33.99
CA GLY C 56 -6.01 4.15 -34.73
C GLY C 56 -5.53 5.09 -35.76
N ASN C 57 -4.39 5.72 -35.53
CA ASN C 57 -3.72 6.53 -36.56
C ASN C 57 -3.26 5.59 -37.67
N ALA C 58 -2.72 4.43 -37.31
CA ALA C 58 -2.23 3.50 -38.35
C ALA C 58 -3.41 3.00 -39.23
N ALA C 59 -4.57 2.70 -38.63
CA ALA C 59 -5.81 2.28 -39.31
C ALA C 59 -6.24 3.42 -40.24
N ARG C 60 -6.32 4.62 -39.76
CA ARG C 60 -6.83 5.70 -40.63
C ARG C 60 -5.89 5.90 -41.81
N ASP C 61 -4.61 5.95 -41.56
CA ASP C 61 -3.57 6.11 -42.61
C ASP C 61 -3.74 5.03 -43.70
N ASN C 62 -4.12 3.82 -43.33
CA ASN C 62 -4.31 2.62 -44.20
C ASN C 62 -5.75 2.63 -44.81
N LYS C 63 -6.53 3.71 -44.58
CA LYS C 63 -7.93 3.85 -45.06
C LYS C 63 -8.81 2.70 -44.51
N LYS C 64 -8.63 2.34 -43.23
CA LYS C 64 -9.38 1.30 -42.55
C LYS C 64 -10.24 1.92 -41.45
N THR C 65 -11.38 1.32 -41.19
CA THR C 65 -12.35 1.79 -40.16
C THR C 65 -12.27 0.97 -38.90
N ARG C 66 -11.39 -0.07 -38.82
CA ARG C 66 -11.17 -0.86 -37.56
C ARG C 66 -9.70 -1.10 -37.39
N ILE C 67 -9.22 -0.99 -36.15
CA ILE C 67 -7.88 -1.47 -35.72
C ILE C 67 -7.86 -3.01 -35.80
N VAL C 68 -6.91 -3.54 -36.57
CA VAL C 68 -6.59 -4.98 -36.53
C VAL C 68 -5.16 -5.14 -35.99
N PRO C 69 -4.73 -6.38 -35.68
CA PRO C 69 -3.42 -6.58 -35.05
C PRO C 69 -2.24 -5.91 -35.77
N ARG C 70 -2.20 -5.94 -37.10
CA ARG C 70 -1.13 -5.29 -37.89
C ARG C 70 -1.02 -3.81 -37.48
N HIS C 71 -2.14 -3.14 -37.16
CA HIS C 71 -2.06 -1.70 -36.86
C HIS C 71 -1.39 -1.50 -35.47
N ILE C 72 -1.68 -2.37 -34.53
CA ILE C 72 -1.04 -2.36 -33.18
C ILE C 72 0.43 -2.68 -33.35
N GLN C 73 0.73 -3.78 -34.04
CA GLN C 73 2.12 -4.16 -34.34
C GLN C 73 2.83 -2.92 -34.91
N LEU C 74 2.23 -2.24 -35.91
CA LEU C 74 2.85 -1.08 -36.61
C LEU C 74 3.07 0.06 -35.61
N ALA C 75 2.03 0.40 -34.83
CA ALA C 75 2.07 1.46 -33.81
C ALA C 75 3.25 1.22 -32.85
N VAL C 76 3.36 0.01 -32.33
CA VAL C 76 4.39 -0.36 -31.31
C VAL C 76 5.77 -0.33 -31.99
N ARG C 77 5.88 -0.82 -33.23
CA ARG C 77 7.19 -0.91 -33.95
C ARG C 77 7.69 0.50 -34.24
N ASN C 78 6.79 1.43 -34.51
CA ASN C 78 7.11 2.81 -34.96
C ASN C 78 7.35 3.72 -33.75
N ASP C 79 7.17 3.20 -32.52
CA ASP C 79 7.43 3.93 -31.24
C ASP C 79 8.50 3.20 -30.42
N GLU C 80 9.64 3.84 -30.17
CA GLU C 80 10.84 3.23 -29.51
C GLU C 80 10.46 2.72 -28.11
N GLU C 81 9.68 3.50 -27.36
CA GLU C 81 9.28 3.20 -25.96
C GLU C 81 8.38 1.97 -25.94
N LEU C 82 7.40 1.91 -26.85
CA LEU C 82 6.46 0.78 -26.89
C LEU C 82 7.18 -0.48 -27.37
N SER C 83 8.07 -0.34 -28.35
CA SER C 83 9.00 -1.42 -28.77
C SER C 83 9.86 -1.85 -27.57
N LYS C 84 10.33 -0.87 -26.79
CA LYS C 84 11.24 -1.09 -25.63
C LYS C 84 10.47 -1.72 -24.47
N LEU C 85 9.12 -1.61 -24.44
CA LEU C 85 8.26 -2.15 -23.34
C LEU C 85 7.61 -3.47 -23.78
N LEU C 86 6.97 -3.46 -24.92
CA LEU C 86 6.16 -4.63 -25.31
C LEU C 86 6.96 -5.63 -26.12
N GLY C 87 8.05 -5.16 -26.72
CA GLY C 87 8.72 -6.04 -27.69
C GLY C 87 7.96 -5.99 -29.01
N ASP C 88 8.27 -6.87 -29.93
CA ASP C 88 7.49 -6.84 -31.18
C ASP C 88 6.13 -7.52 -30.93
N VAL C 89 5.07 -7.09 -31.62
CA VAL C 89 3.77 -7.80 -31.50
C VAL C 89 3.80 -8.89 -32.59
N THR C 90 3.30 -10.07 -32.29
CA THR C 90 3.41 -11.27 -33.18
C THR C 90 2.22 -11.30 -34.14
N THR D 10 -10.62 -9.55 -17.11
CA THR D 10 -10.85 -8.89 -18.44
C THR D 10 -10.85 -7.37 -18.28
N TYR D 11 -10.11 -6.69 -19.12
CA TYR D 11 -10.08 -5.23 -19.20
C TYR D 11 -10.82 -4.75 -20.45
N LYS D 12 -11.34 -5.67 -21.27
CA LYS D 12 -11.77 -5.35 -22.67
C LYS D 12 -12.82 -4.22 -22.67
N ILE D 13 -13.75 -4.19 -21.77
CA ILE D 13 -14.80 -3.14 -21.87
C ILE D 13 -14.17 -1.76 -21.60
N TYR D 14 -13.17 -1.70 -20.74
CA TYR D 14 -12.44 -0.49 -20.35
C TYR D 14 -11.46 -0.05 -21.43
N ILE D 15 -10.78 -1.01 -22.08
CA ILE D 15 -9.97 -0.73 -23.29
C ILE D 15 -10.90 -0.07 -24.34
N PHE D 16 -12.09 -0.61 -24.53
CA PHE D 16 -13.06 -0.04 -25.50
C PHE D 16 -13.46 1.37 -25.10
N LYS D 17 -13.74 1.58 -23.84
CA LYS D 17 -14.08 2.92 -23.32
C LYS D 17 -12.99 3.91 -23.76
N VAL D 18 -11.73 3.52 -23.67
CA VAL D 18 -10.63 4.46 -23.99
C VAL D 18 -10.57 4.67 -25.47
N LEU D 19 -10.75 3.64 -26.22
CA LEU D 19 -10.77 3.74 -27.67
C LEU D 19 -11.87 4.70 -28.07
N LYS D 20 -13.05 4.60 -27.44
CA LYS D 20 -14.17 5.47 -27.84
C LYS D 20 -13.91 6.91 -27.40
N GLN D 21 -13.00 7.15 -26.46
CA GLN D 21 -12.49 8.53 -26.18
C GLN D 21 -11.58 8.99 -27.31
N VAL D 22 -10.52 8.25 -27.60
CA VAL D 22 -9.40 8.75 -28.42
C VAL D 22 -9.73 8.68 -29.89
N HIS D 23 -10.55 7.71 -30.31
CA HIS D 23 -10.89 7.54 -31.72
C HIS D 23 -12.33 7.11 -31.84
N PRO D 24 -13.29 8.01 -31.55
CA PRO D 24 -14.67 7.64 -31.48
C PRO D 24 -15.19 6.86 -32.69
N ASP D 25 -14.67 7.14 -33.91
CA ASP D 25 -15.22 6.60 -35.16
C ASP D 25 -14.52 5.32 -35.58
N ILE D 26 -13.53 4.82 -34.80
CA ILE D 26 -12.69 3.69 -35.24
C ILE D 26 -13.00 2.48 -34.39
N GLY D 27 -13.27 1.39 -35.01
CA GLY D 27 -13.58 0.14 -34.35
C GLY D 27 -12.32 -0.67 -34.03
N ILE D 28 -12.51 -1.89 -33.59
CA ILE D 28 -11.39 -2.79 -33.21
C ILE D 28 -11.86 -4.23 -33.31
N SER D 29 -11.04 -5.05 -33.97
CA SER D 29 -11.34 -6.46 -34.18
C SER D 29 -11.26 -7.21 -32.84
N SER D 30 -11.99 -8.29 -32.72
CA SER D 30 -11.81 -9.26 -31.61
C SER D 30 -10.29 -9.57 -31.41
N LYS D 31 -9.59 -9.96 -32.45
CA LYS D 31 -8.18 -10.39 -32.29
C LYS D 31 -7.37 -9.23 -31.70
N ALA D 32 -7.58 -8.02 -32.22
CA ALA D 32 -6.84 -6.83 -31.80
C ALA D 32 -7.14 -6.52 -30.34
N MET D 33 -8.39 -6.66 -29.91
CA MET D 33 -8.83 -6.44 -28.52
C MET D 33 -8.17 -7.48 -27.62
N GLY D 34 -8.04 -8.72 -28.12
CA GLY D 34 -7.27 -9.78 -27.43
C GLY D 34 -5.87 -9.33 -27.09
N ILE D 35 -5.18 -8.74 -28.05
CA ILE D 35 -3.75 -8.32 -27.91
C ILE D 35 -3.70 -7.18 -26.88
N MET D 36 -4.63 -6.26 -26.97
CA MET D 36 -4.76 -5.17 -25.98
C MET D 36 -4.96 -5.74 -24.57
N ASN D 37 -5.84 -6.68 -24.39
CA ASN D 37 -6.19 -7.18 -23.06
C ASN D 37 -4.95 -7.88 -22.50
N SER D 38 -4.26 -8.65 -23.30
CA SER D 38 -2.99 -9.35 -22.88
C SER D 38 -1.96 -8.34 -22.40
N PHE D 39 -1.77 -7.26 -23.16
CA PHE D 39 -0.83 -6.17 -22.84
C PHE D 39 -1.18 -5.62 -21.44
N ILE D 40 -2.43 -5.28 -21.19
CA ILE D 40 -2.80 -4.64 -19.91
C ILE D 40 -2.66 -5.65 -18.75
N ASN D 41 -2.97 -6.90 -18.99
CA ASN D 41 -2.79 -7.94 -17.94
C ASN D 41 -1.30 -8.09 -17.64
N ASP D 42 -0.45 -8.05 -18.65
CA ASP D 42 1.02 -8.23 -18.49
C ASP D 42 1.56 -7.06 -17.64
N ILE D 43 1.21 -5.85 -17.97
CA ILE D 43 1.78 -4.68 -17.28
C ILE D 43 1.18 -4.57 -15.86
N PHE D 44 -0.09 -4.86 -15.68
CA PHE D 44 -0.64 -4.99 -14.34
C PHE D 44 0.25 -5.91 -13.53
N GLU D 45 0.49 -7.11 -14.04
CA GLU D 45 1.18 -8.18 -13.26
C GLU D 45 2.58 -7.74 -12.94
N LYS D 46 3.29 -7.16 -13.89
CA LYS D 46 4.69 -6.68 -13.68
C LYS D 46 4.66 -5.58 -12.65
N LEU D 47 3.72 -4.64 -12.73
CA LEU D 47 3.74 -3.49 -11.82
C LEU D 47 3.35 -3.98 -10.41
N ALA D 48 2.39 -4.90 -10.28
CA ALA D 48 1.96 -5.37 -8.94
C ALA D 48 3.11 -6.16 -8.30
N GLN D 49 3.76 -7.03 -9.06
CA GLN D 49 4.88 -7.84 -8.53
C GLN D 49 6.03 -6.92 -8.13
N GLU D 50 6.34 -5.93 -8.91
CA GLU D 50 7.42 -5.08 -8.57
C GLU D 50 7.07 -4.30 -7.32
N SER D 51 5.83 -3.83 -7.18
CA SER D 51 5.36 -3.09 -5.98
C SER D 51 5.53 -3.97 -4.77
N SER D 52 5.19 -5.24 -4.89
CA SER D 52 5.38 -6.28 -3.83
C SER D 52 6.84 -6.34 -3.41
N LYS D 53 7.76 -6.42 -4.37
CA LYS D 53 9.19 -6.58 -4.07
C LYS D 53 9.68 -5.31 -3.39
N LEU D 54 9.25 -4.16 -3.85
CA LEU D 54 9.62 -2.87 -3.19
C LEU D 54 9.16 -2.90 -1.74
N ALA D 55 7.90 -3.18 -1.50
CA ALA D 55 7.35 -3.05 -0.15
C ALA D 55 8.12 -4.06 0.76
N ARG D 56 8.44 -5.27 0.26
CA ARG D 56 9.15 -6.32 1.04
C ARG D 56 10.60 -5.88 1.35
N TYR D 57 11.30 -5.23 0.42
CA TYR D 57 12.71 -4.84 0.57
C TYR D 57 12.84 -3.85 1.72
N ASN D 58 11.85 -2.98 1.89
CA ASN D 58 11.89 -1.92 2.92
C ASN D 58 10.89 -2.24 4.04
N LYS D 59 10.47 -3.49 4.16
CA LYS D 59 9.58 -3.94 5.25
C LYS D 59 8.40 -2.99 5.41
N LYS D 60 7.77 -2.56 4.31
CA LYS D 60 6.60 -1.67 4.40
C LYS D 60 5.34 -2.50 4.50
N PRO D 61 4.38 -2.13 5.39
CA PRO D 61 3.11 -2.85 5.44
C PRO D 61 2.25 -2.54 4.23
N THR D 62 2.43 -1.38 3.62
CA THR D 62 1.40 -0.85 2.69
C THR D 62 2.01 -0.57 1.32
N ILE D 63 1.34 -1.02 0.28
CA ILE D 63 1.64 -0.53 -1.07
C ILE D 63 0.83 0.72 -1.27
N THR D 64 1.52 1.85 -1.33
CA THR D 64 0.94 3.16 -1.52
C THR D 64 1.11 3.59 -2.98
N SER D 65 0.63 4.78 -3.33
CA SER D 65 0.86 5.33 -4.67
C SER D 65 2.38 5.50 -4.91
N ARG D 66 3.17 5.76 -3.89
CA ARG D 66 4.62 5.88 -4.05
C ARG D 66 5.23 4.56 -4.54
N GLU D 67 4.79 3.40 -4.01
CA GLU D 67 5.32 2.14 -4.47
C GLU D 67 4.92 1.94 -5.92
N ILE D 68 3.69 2.25 -6.30
CA ILE D 68 3.28 2.09 -7.71
C ILE D 68 4.20 2.97 -8.58
N GLN D 69 4.37 4.21 -8.21
CA GLN D 69 5.28 5.18 -8.92
C GLN D 69 6.66 4.52 -9.10
N THR D 70 7.27 4.05 -8.03
CA THR D 70 8.64 3.50 -8.14
C THR D 70 8.65 2.27 -9.04
N ALA D 71 7.64 1.42 -8.95
CA ALA D 71 7.49 0.23 -9.80
C ALA D 71 7.41 0.67 -11.28
N VAL D 72 6.66 1.70 -11.60
CA VAL D 72 6.60 2.23 -13.00
C VAL D 72 8.02 2.55 -13.51
N ARG D 73 8.82 3.20 -12.67
CA ARG D 73 10.21 3.68 -12.99
C ARG D 73 11.17 2.49 -13.06
N LEU D 74 10.87 1.39 -12.38
CA LEU D 74 11.69 0.14 -12.40
C LEU D 74 11.32 -0.76 -13.59
N VAL D 75 10.11 -0.60 -14.19
CA VAL D 75 9.52 -1.56 -15.16
C VAL D 75 9.43 -0.92 -16.57
N LEU D 76 8.96 0.33 -16.68
CA LEU D 76 8.74 1.02 -18.00
C LEU D 76 10.05 1.69 -18.41
N PRO D 77 10.39 1.68 -19.73
CA PRO D 77 11.50 2.49 -20.22
C PRO D 77 11.37 3.99 -19.87
N GLY D 78 12.48 4.69 -19.62
CA GLY D 78 12.52 5.99 -18.88
C GLY D 78 11.52 7.04 -19.42
N GLU D 79 11.51 7.30 -20.72
CA GLU D 79 10.67 8.39 -21.24
C GLU D 79 9.19 8.01 -21.10
N LEU D 80 8.85 6.75 -21.32
CA LEU D 80 7.45 6.28 -21.13
C LEU D 80 7.08 6.30 -19.63
N ALA D 81 7.99 5.91 -18.78
CA ALA D 81 7.77 6.01 -17.32
C ALA D 81 7.45 7.44 -16.92
N LYS D 82 8.17 8.45 -17.45
CA LYS D 82 7.94 9.83 -17.04
C LYS D 82 6.46 10.20 -17.30
N HIS D 83 5.95 9.85 -18.47
CA HIS D 83 4.58 10.19 -18.86
C HIS D 83 3.60 9.41 -18.00
N ALA D 84 3.89 8.14 -17.74
CA ALA D 84 3.02 7.29 -16.92
C ALA D 84 2.93 7.87 -15.49
N VAL D 85 4.07 8.31 -14.92
CA VAL D 85 4.13 8.95 -13.56
C VAL D 85 3.29 10.23 -13.57
N SER D 86 3.45 11.02 -14.59
CA SER D 86 2.67 12.22 -14.79
C SER D 86 1.16 11.89 -14.72
N GLU D 87 0.72 10.91 -15.47
CA GLU D 87 -0.68 10.55 -15.57
C GLU D 87 -1.16 10.05 -14.20
N GLY D 88 -0.37 9.26 -13.53
CA GLY D 88 -0.76 8.67 -12.25
C GLY D 88 -0.87 9.68 -11.17
N THR D 89 0.08 10.55 -11.10
CA THR D 89 0.10 11.70 -10.20
C THR D 89 -1.15 12.53 -10.45
N LYS D 90 -1.41 12.87 -11.69
CA LYS D 90 -2.59 13.69 -12.07
C LYS D 90 -3.85 13.02 -11.51
N ALA D 91 -3.98 11.70 -11.67
CA ALA D 91 -5.22 11.00 -11.24
C ALA D 91 -5.32 10.95 -9.71
N VAL D 92 -4.24 10.76 -9.01
CA VAL D 92 -4.29 10.69 -7.54
C VAL D 92 -4.58 12.11 -7.01
N THR D 93 -4.06 13.16 -7.63
CA THR D 93 -4.35 14.58 -7.25
C THR D 93 -5.85 14.83 -7.41
N LYS D 94 -6.42 14.51 -8.56
CA LYS D 94 -7.86 14.72 -8.85
C LYS D 94 -8.68 13.90 -7.85
N PHE D 95 -8.33 12.66 -7.66
CA PHE D 95 -9.00 11.75 -6.71
C PHE D 95 -9.08 12.41 -5.32
N THR D 96 -7.98 13.00 -4.83
CA THR D 96 -7.85 13.49 -3.40
C THR D 96 -8.31 14.96 -3.31
N SER D 97 -8.80 15.52 -4.41
CA SER D 97 -9.32 16.92 -4.50
C SER D 97 -10.75 16.97 -3.96
#